data_5NSG
#
_entry.id   5NSG
#
_cell.length_a   50.000
_cell.length_b   147.010
_cell.length_c   76.370
_cell.angle_alpha   90.00
_cell.angle_beta   90.00
_cell.angle_gamma   90.00
#
_symmetry.space_group_name_H-M   'C 2 2 21'
#
loop_
_entity.id
_entity.type
_entity.pdbx_description
1 polymer 'Putative uncharacterized protein DKFZp686C11235'
2 branched 2-acetamido-2-deoxy-beta-D-glucopyranose-(1-2)-alpha-D-mannopyranose-(1-6)-[alpha-D-mannopyranose-(1-3)]beta-D-mannopyranose-(1-4)-2-acetamido-2-deoxy-beta-D-glucopyranose-(1-4)-[alpha-L-fucopyranose-(1-6)]2-acetamido-2-deoxy-beta-D-glucopyranose
3 non-polymer 'ZINC ION'
4 non-polymer 'ACETATE ION'
5 water water
#
_entity_poly.entity_id   1
_entity_poly.type   'polypeptide(L)'
_entity_poly.pdbx_seq_one_letter_code
;EPKSCDKTHTCPPCPAPELLGGPSVFLFPPKPKDTLMISRTPEVTCVVVDVSHEDPEVKFNWYVDGVEVHNAKTKPREEQ
YNSTYRVVSVLTVLHQDWLNGKEYKCKVSNKALPAPIEKTISKAKGQPREPQVYTDPPSREEMTKNQVSLTCEVKGFYPS
DIAVEWESNGQPENNYKTTPPVLDSDGSFFLYSKLTVDKSRWQQGNVFSCSVMHEALHNHYTQKSLSLSPGK
;
_entity_poly.pdbx_strand_id   A
#
loop_
_chem_comp.id
_chem_comp.type
_chem_comp.name
_chem_comp.formula
ACT non-polymer 'ACETATE ION' 'C2 H3 O2 -1'
BMA D-saccharide, beta linking beta-D-mannopyranose 'C6 H12 O6'
FUC L-saccharide, alpha linking alpha-L-fucopyranose 'C6 H12 O5'
MAN D-saccharide, alpha linking alpha-D-mannopyranose 'C6 H12 O6'
NAG D-saccharide, beta linking 2-acetamido-2-deoxy-beta-D-glucopyranose 'C8 H15 N O6'
ZN non-polymer 'ZINC ION' 'Zn 2'
#
# COMPACT_ATOMS: atom_id res chain seq x y z
N GLY A 22 -27.27 0.69 14.20
CA GLY A 22 -26.27 0.95 15.23
C GLY A 22 -24.91 1.35 14.69
N PRO A 23 -23.89 1.20 15.52
CA PRO A 23 -22.52 1.54 15.08
C PRO A 23 -22.06 0.63 13.94
N SER A 24 -21.08 1.15 13.19
CA SER A 24 -20.45 0.41 12.10
C SER A 24 -18.94 0.46 12.26
N VAL A 25 -18.27 -0.62 11.88
CA VAL A 25 -16.84 -0.73 12.03
C VAL A 25 -16.19 -0.87 10.65
N PHE A 26 -15.10 -0.16 10.45
CA PHE A 26 -14.28 -0.27 9.25
C PHE A 26 -12.83 -0.51 9.66
N LEU A 27 -12.19 -1.46 9.00
CA LEU A 27 -10.85 -1.91 9.36
C LEU A 27 -9.94 -1.70 8.16
N PHE A 28 -8.90 -0.89 8.33
CA PHE A 28 -8.09 -0.51 7.17
C PHE A 28 -6.68 -1.06 7.29
N PRO A 29 -6.07 -1.47 6.18
CA PRO A 29 -4.74 -2.07 6.24
C PRO A 29 -3.68 -0.98 6.29
N PRO A 30 -2.41 -1.35 6.47
CA PRO A 30 -1.35 -0.35 6.42
C PRO A 30 -1.18 0.22 5.02
N LYS A 31 -0.49 1.34 4.95
CA LYS A 31 -0.07 1.84 3.65
C LYS A 31 0.89 0.84 3.02
N PRO A 32 0.66 0.44 1.77
CA PRO A 32 1.52 -0.61 1.16
C PRO A 32 3.01 -0.32 1.27
N LYS A 33 3.43 0.92 1.08
CA LYS A 33 4.84 1.23 1.13
C LYS A 33 5.39 1.03 2.54
N ASP A 34 4.57 1.25 3.57
CA ASP A 34 4.98 1.00 4.94
C ASP A 34 5.22 -0.47 5.24
N THR A 35 4.61 -1.39 4.47
CA THR A 35 4.84 -2.81 4.70
C THR A 35 6.12 -3.31 4.06
N LEU A 36 6.67 -2.57 3.10
CA LEU A 36 7.79 -3.07 2.30
C LEU A 36 9.14 -2.52 2.74
N MET A 37 9.16 -1.54 3.63
CA MET A 37 10.39 -0.91 4.12
C MET A 37 10.47 -1.09 5.63
N ILE A 38 11.43 -1.90 6.10
CA ILE A 38 11.55 -2.18 7.53
C ILE A 38 11.75 -0.91 8.35
N SER A 39 12.23 0.17 7.73
CA SER A 39 12.41 1.43 8.44
C SER A 39 11.09 1.99 8.96
N ARG A 40 9.97 1.59 8.38
CA ARG A 40 8.68 2.24 8.61
C ARG A 40 7.80 1.40 9.52
N THR A 41 6.77 2.04 10.06
CA THR A 41 5.87 1.41 11.03
C THR A 41 4.50 1.15 10.43
N PRO A 42 4.23 -0.04 9.90
CA PRO A 42 2.88 -0.33 9.42
C PRO A 42 1.90 -0.46 10.56
N GLU A 43 0.69 0.03 10.33
CA GLU A 43 -0.36 0.07 11.33
C GLU A 43 -1.66 -0.34 10.68
N VAL A 44 -2.50 -1.03 11.44
CA VAL A 44 -3.87 -1.35 11.03
C VAL A 44 -4.79 -0.45 11.85
N THR A 45 -5.85 0.06 11.23
CA THR A 45 -6.67 1.08 11.86
C THR A 45 -8.12 0.65 11.88
N CYS A 46 -8.69 0.57 13.08
CA CYS A 46 -10.07 0.13 13.28
C CYS A 46 -10.91 1.34 13.63
N VAL A 47 -11.85 1.68 12.74
CA VAL A 47 -12.67 2.87 12.85
C VAL A 47 -14.10 2.45 13.13
N VAL A 48 -14.70 3.07 14.15
CA VAL A 48 -16.10 2.83 14.52
C VAL A 48 -16.85 4.15 14.34
N VAL A 49 -17.91 4.12 13.54
CA VAL A 49 -18.73 5.29 13.31
C VAL A 49 -20.17 5.01 13.74
N ASP A 50 -20.96 6.07 13.84
CA ASP A 50 -22.37 6.00 14.23
C ASP A 50 -22.54 5.50 15.66
N VAL A 51 -21.64 5.92 16.55
CA VAL A 51 -21.79 5.67 17.98
C VAL A 51 -22.68 6.76 18.57
N SER A 52 -23.72 6.35 19.30
CA SER A 52 -24.74 7.28 19.75
C SER A 52 -24.30 8.02 21.02
N HIS A 53 -25.04 9.09 21.34
CA HIS A 53 -24.82 9.80 22.60
C HIS A 53 -25.32 8.99 23.80
N GLU A 54 -26.37 8.19 23.61
CA GLU A 54 -26.92 7.39 24.69
C GLU A 54 -26.03 6.19 25.02
N ASP A 55 -25.26 5.72 24.05
CA ASP A 55 -24.36 4.58 24.23
C ASP A 55 -22.99 4.98 23.72
N PRO A 56 -22.29 5.85 24.45
CA PRO A 56 -20.99 6.36 23.95
C PRO A 56 -19.81 5.46 24.24
N GLU A 57 -19.95 4.49 25.14
CA GLU A 57 -18.83 3.66 25.54
C GLU A 57 -18.46 2.68 24.44
N VAL A 58 -17.18 2.63 24.08
CA VAL A 58 -16.69 1.74 23.05
C VAL A 58 -15.49 0.98 23.59
N LYS A 59 -15.50 -0.34 23.42
CA LYS A 59 -14.40 -1.19 23.86
C LYS A 59 -13.81 -1.89 22.64
N PHE A 60 -12.48 -1.85 22.53
CA PHE A 60 -11.74 -2.51 21.48
C PHE A 60 -10.97 -3.70 22.06
N ASN A 61 -11.03 -4.83 21.36
CA ASN A 61 -10.18 -5.98 21.64
C ASN A 61 -9.48 -6.37 20.34
N TRP A 62 -8.17 -6.60 20.39
CA TRP A 62 -7.37 -6.94 19.23
C TRP A 62 -6.79 -8.34 19.37
N TYR A 63 -6.76 -9.08 18.26
CA TYR A 63 -6.19 -10.41 18.23
C TYR A 63 -5.31 -10.58 17.00
N VAL A 64 -4.21 -11.31 17.18
CA VAL A 64 -3.29 -11.65 16.11
C VAL A 64 -3.33 -13.16 15.97
N ASP A 65 -3.89 -13.65 14.86
CA ASP A 65 -4.12 -15.09 14.69
C ASP A 65 -4.90 -15.67 15.87
N GLY A 66 -5.94 -14.94 16.29
CA GLY A 66 -6.76 -15.39 17.39
C GLY A 66 -6.17 -15.21 18.79
N VAL A 67 -4.92 -14.79 18.90
CA VAL A 67 -4.32 -14.54 20.22
C VAL A 67 -4.51 -13.06 20.57
N GLU A 68 -5.09 -12.80 21.74
CA GLU A 68 -5.37 -11.43 22.12
C GLU A 68 -4.06 -10.68 22.38
N VAL A 69 -4.00 -9.45 21.86
CA VAL A 69 -2.85 -8.58 22.07
C VAL A 69 -3.37 -7.28 22.70
N HIS A 70 -2.45 -6.55 23.35
CA HIS A 70 -2.85 -5.46 24.25
C HIS A 70 -2.06 -4.17 24.04
N ASN A 71 -1.32 -4.03 22.94
CA ASN A 71 -0.48 -2.86 22.71
C ASN A 71 -1.12 -1.84 21.76
N ALA A 72 -2.43 -1.92 21.55
CA ALA A 72 -3.08 -1.02 20.62
C ALA A 72 -3.28 0.36 21.25
N LYS A 73 -3.42 1.37 20.39
CA LYS A 73 -3.57 2.76 20.82
C LYS A 73 -4.94 3.25 20.38
N THR A 74 -5.82 3.47 21.35
CA THR A 74 -7.16 3.95 21.07
C THR A 74 -7.22 5.44 21.38
N LYS A 75 -7.72 6.22 20.42
CA LYS A 75 -7.84 7.65 20.59
C LYS A 75 -9.16 8.00 21.25
N PRO A 76 -9.24 9.13 21.94
CA PRO A 76 -10.50 9.52 22.58
C PRO A 76 -11.58 9.77 21.54
N ARG A 77 -12.82 9.44 21.92
CA ARG A 77 -13.95 9.63 21.01
C ARG A 77 -13.98 11.06 20.49
N GLU A 78 -14.55 11.21 19.29
CA GLU A 78 -14.58 12.50 18.59
C GLU A 78 -15.96 12.69 17.98
N GLU A 79 -16.71 13.68 18.47
CA GLU A 79 -18.07 13.92 18.01
C GLU A 79 -18.07 14.48 16.58
N GLN A 80 -18.99 13.98 15.76
CA GLN A 80 -19.08 14.39 14.37
C GLN A 80 -20.17 15.44 14.19
N TYR A 81 -20.24 15.99 12.97
CA TYR A 81 -21.22 17.03 12.68
C TYR A 81 -22.62 16.48 12.46
N ASN A 82 -22.78 15.17 12.26
CA ASN A 82 -24.09 14.55 12.21
C ASN A 82 -24.54 14.00 13.57
N SER A 83 -23.96 14.50 14.67
CA SER A 83 -24.40 14.18 16.03
C SER A 83 -24.05 12.76 16.44
N THR A 84 -23.01 12.18 15.87
CA THR A 84 -22.54 10.87 16.28
C THR A 84 -21.08 10.96 16.70
N TYR A 85 -20.62 9.94 17.43
CA TYR A 85 -19.24 9.83 17.84
C TYR A 85 -18.48 8.93 16.87
N ARG A 86 -17.20 9.24 16.66
CA ARG A 86 -16.31 8.40 15.87
C ARG A 86 -15.06 8.14 16.68
N VAL A 87 -14.70 6.86 16.84
CA VAL A 87 -13.59 6.47 17.69
C VAL A 87 -12.69 5.52 16.90
N VAL A 88 -11.38 5.68 17.07
CA VAL A 88 -10.38 4.99 16.26
C VAL A 88 -9.38 4.29 17.16
N SER A 89 -9.02 3.07 16.78
CA SER A 89 -7.98 2.31 17.47
C SER A 89 -6.91 1.90 16.45
N VAL A 90 -5.65 2.09 16.80
CA VAL A 90 -4.53 1.82 15.91
C VAL A 90 -3.65 0.75 16.54
N LEU A 91 -3.41 -0.33 15.81
CA LEU A 91 -2.49 -1.36 16.24
C LEU A 91 -1.28 -1.38 15.31
N THR A 92 -0.11 -1.15 15.88
CA THR A 92 1.11 -1.34 15.13
C THR A 92 1.27 -2.81 14.79
N VAL A 93 1.76 -3.08 13.59
CA VAL A 93 1.95 -4.40 13.05
C VAL A 93 3.44 -4.57 12.77
N LEU A 94 3.95 -5.78 12.94
CA LEU A 94 5.37 -6.04 12.70
C LEU A 94 5.59 -6.35 11.22
N HIS A 95 6.65 -5.75 10.68
CA HIS A 95 6.98 -5.95 9.27
C HIS A 95 6.85 -7.41 8.87
N GLN A 96 7.55 -8.30 9.57
CA GLN A 96 7.54 -9.70 9.18
C GLN A 96 6.19 -10.37 9.44
N ASP A 97 5.47 -9.93 10.47
CA ASP A 97 4.15 -10.51 10.75
C ASP A 97 3.20 -10.27 9.59
N TRP A 98 3.09 -9.02 9.14
CA TRP A 98 2.21 -8.69 8.02
C TRP A 98 2.59 -9.48 6.78
N LEU A 99 3.87 -9.46 6.41
CA LEU A 99 4.30 -10.18 5.22
C LEU A 99 4.10 -11.68 5.35
N ASN A 100 4.14 -12.21 6.56
CA ASN A 100 3.93 -13.63 6.78
C ASN A 100 2.45 -14.01 6.89
N GLY A 101 1.54 -13.09 6.55
CA GLY A 101 0.15 -13.45 6.43
C GLY A 101 -0.64 -13.54 7.73
N LYS A 102 -0.11 -13.03 8.83
CA LYS A 102 -0.86 -13.05 10.08
C LYS A 102 -2.16 -12.28 9.90
N GLU A 103 -3.19 -12.68 10.65
CA GLU A 103 -4.52 -12.08 10.55
C GLU A 103 -4.80 -11.20 11.77
N TYR A 104 -5.32 -10.01 11.51
CA TYR A 104 -5.55 -9.00 12.53
C TYR A 104 -7.05 -8.80 12.71
N LYS A 105 -7.56 -9.17 13.88
CA LYS A 105 -8.97 -9.08 14.22
C LYS A 105 -9.22 -7.92 15.17
N CYS A 106 -10.09 -7.00 14.76
CA CYS A 106 -10.61 -5.94 15.61
C CYS A 106 -12.00 -6.34 16.09
N LYS A 107 -12.25 -6.25 17.39
CA LYS A 107 -13.53 -6.58 17.99
C LYS A 107 -14.07 -5.36 18.74
N VAL A 108 -15.24 -4.88 18.35
CA VAL A 108 -15.82 -3.66 18.89
C VAL A 108 -17.08 -4.00 19.68
N SER A 109 -17.14 -3.52 20.91
CA SER A 109 -18.28 -3.74 21.79
C SER A 109 -18.92 -2.41 22.14
N ASN A 110 -20.26 -2.39 22.13
CA ASN A 110 -21.02 -1.18 22.42
C ASN A 110 -22.39 -1.58 22.94
N LYS A 111 -22.89 -0.81 23.91
CA LYS A 111 -24.17 -1.16 24.54
C LYS A 111 -25.31 -1.17 23.53
N ALA A 112 -25.23 -0.36 22.49
CA ALA A 112 -26.31 -0.30 21.50
C ALA A 112 -26.26 -1.46 20.53
N LEU A 113 -25.28 -2.35 20.66
CA LEU A 113 -25.15 -3.48 19.75
C LEU A 113 -25.77 -4.73 20.35
N PRO A 114 -26.47 -5.55 19.54
CA PRO A 114 -26.91 -6.85 20.05
C PRO A 114 -25.74 -7.74 20.42
N ALA A 115 -24.71 -7.77 19.58
CA ALA A 115 -23.51 -8.54 19.86
C ALA A 115 -22.32 -7.78 19.30
N PRO A 116 -21.12 -8.05 19.79
CA PRO A 116 -19.95 -7.31 19.33
C PRO A 116 -19.73 -7.51 17.84
N ILE A 117 -19.10 -6.52 17.23
CA ILE A 117 -18.77 -6.54 15.81
C ILE A 117 -17.31 -6.93 15.67
N GLU A 118 -17.03 -7.89 14.79
CA GLU A 118 -15.68 -8.40 14.55
C GLU A 118 -15.29 -8.19 13.09
N LYS A 119 -14.09 -7.64 12.87
CA LYS A 119 -13.52 -7.46 11.54
C LYS A 119 -12.12 -8.03 11.54
N THR A 120 -11.78 -8.78 10.49
CA THR A 120 -10.45 -9.36 10.35
C THR A 120 -9.82 -8.86 9.06
N ILE A 121 -8.50 -8.66 9.07
CA ILE A 121 -7.78 -8.19 7.90
C ILE A 121 -6.40 -8.82 7.88
N SER A 122 -5.87 -9.00 6.67
CA SER A 122 -4.52 -9.51 6.49
C SER A 122 -4.00 -9.00 5.15
N LYS A 123 -2.70 -9.22 4.94
CA LYS A 123 -2.13 -9.00 3.62
C LYS A 123 -2.89 -9.80 2.57
N ALA A 124 -2.97 -9.24 1.37
CA ALA A 124 -3.51 -9.96 0.24
C ALA A 124 -2.94 -11.36 0.17
N LYS A 125 -3.82 -12.34 0.07
CA LYS A 125 -3.43 -13.74 0.09
C LYS A 125 -3.07 -14.24 -1.30
N GLY A 126 -2.26 -15.30 -1.35
CA GLY A 126 -1.93 -15.96 -2.61
C GLY A 126 -0.44 -16.21 -2.75
N GLN A 127 -0.04 -17.17 -3.57
CA GLN A 127 1.39 -17.46 -3.70
C GLN A 127 2.10 -16.23 -4.27
N PRO A 128 3.17 -15.76 -3.64
CA PRO A 128 3.87 -14.58 -4.17
C PRO A 128 4.61 -14.90 -5.45
N ARG A 129 4.67 -13.90 -6.36
CA ARG A 129 5.44 -14.04 -7.59
C ARG A 129 6.24 -12.77 -7.83
N GLU A 130 7.52 -12.95 -8.13
CA GLU A 130 8.47 -11.85 -8.23
C GLU A 130 8.29 -11.08 -9.54
N PRO A 131 8.25 -9.74 -9.52
CA PRO A 131 8.12 -9.00 -10.78
C PRO A 131 9.36 -9.12 -11.64
N GLN A 132 9.15 -9.09 -12.95
CA GLN A 132 10.21 -8.87 -13.91
C GLN A 132 10.13 -7.43 -14.39
N VAL A 133 11.25 -6.72 -14.33
CA VAL A 133 11.31 -5.29 -14.63
C VAL A 133 12.13 -5.09 -15.88
N TYR A 134 11.53 -4.47 -16.88
CA TYR A 134 12.22 -4.14 -18.12
C TYR A 134 12.03 -2.66 -18.43
N THR A 135 13.08 -2.02 -18.95
CA THR A 135 13.02 -0.64 -19.38
C THR A 135 13.12 -0.58 -20.90
N ASP A 136 12.38 0.34 -21.51
CA ASP A 136 12.33 0.51 -22.95
C ASP A 136 12.59 1.97 -23.30
N PRO A 137 13.56 2.27 -24.16
CA PRO A 137 13.83 3.66 -24.52
C PRO A 137 12.77 4.21 -25.45
N PRO A 138 12.77 5.53 -25.67
CA PRO A 138 11.82 6.11 -26.62
C PRO A 138 11.97 5.50 -28.00
N SER A 139 10.83 5.24 -28.65
CA SER A 139 10.85 4.78 -30.03
C SER A 139 11.30 5.92 -30.95
N ARG A 140 11.74 5.55 -32.16
CA ARG A 140 12.25 6.54 -33.09
C ARG A 140 11.21 7.61 -33.40
N GLU A 141 9.97 7.19 -33.65
CA GLU A 141 8.91 8.16 -33.97
C GLU A 141 8.78 9.22 -32.89
N GLU A 142 8.78 8.82 -31.63
CA GLU A 142 8.62 9.79 -30.55
C GLU A 142 9.86 10.67 -30.38
N MET A 143 11.04 10.22 -30.85
CA MET A 143 12.28 11.00 -30.81
C MET A 143 12.27 12.19 -31.76
N THR A 144 11.15 12.43 -32.46
CA THR A 144 10.96 13.67 -33.20
C THR A 144 10.22 14.72 -32.39
N LYS A 145 9.64 14.34 -31.26
CA LYS A 145 8.94 15.25 -30.38
C LYS A 145 9.93 15.94 -29.43
N ASN A 146 9.45 16.98 -28.77
CA ASN A 146 10.30 17.71 -27.82
C ASN A 146 10.41 17.01 -26.49
N GLN A 147 9.54 16.03 -26.21
CA GLN A 147 9.62 15.22 -25.01
C GLN A 147 9.38 13.77 -25.37
N VAL A 148 10.13 12.88 -24.71
CA VAL A 148 10.12 11.46 -25.01
C VAL A 148 9.79 10.68 -23.74
N SER A 149 9.17 9.52 -23.95
CA SER A 149 8.73 8.65 -22.87
C SER A 149 9.77 7.58 -22.59
N LEU A 150 10.19 7.49 -21.33
CA LEU A 150 10.95 6.35 -20.84
C LEU A 150 9.97 5.41 -20.17
N THR A 151 10.02 4.14 -20.54
CA THR A 151 9.03 3.17 -20.09
C THR A 151 9.69 2.11 -19.22
N CYS A 152 8.99 1.77 -18.15
CA CYS A 152 9.38 0.71 -17.22
C CYS A 152 8.25 -0.30 -17.23
N GLU A 153 8.52 -1.51 -17.68
CA GLU A 153 7.51 -2.58 -17.68
C GLU A 153 7.75 -3.49 -16.49
N VAL A 154 6.74 -3.65 -15.65
CA VAL A 154 6.79 -4.55 -14.50
C VAL A 154 5.72 -5.60 -14.72
N LYS A 155 6.12 -6.86 -14.90
CA LYS A 155 5.15 -7.91 -15.17
C LYS A 155 5.44 -9.15 -14.33
N GLY A 156 4.41 -9.98 -14.22
CA GLY A 156 4.52 -11.27 -13.57
C GLY A 156 4.51 -11.24 -12.06
N PHE A 157 3.96 -10.18 -11.44
CA PHE A 157 4.00 -10.08 -9.98
C PHE A 157 2.68 -10.47 -9.34
N TYR A 158 2.79 -10.97 -8.10
CA TYR A 158 1.68 -11.31 -7.24
C TYR A 158 2.15 -11.21 -5.81
N PRO A 159 1.42 -10.53 -4.92
CA PRO A 159 0.11 -9.90 -5.17
C PRO A 159 0.24 -8.54 -5.87
N SER A 160 -0.87 -7.82 -6.03
CA SER A 160 -0.85 -6.60 -6.84
C SER A 160 -0.27 -5.39 -6.11
N ASP A 161 -0.06 -5.48 -4.80
CA ASP A 161 0.53 -4.37 -4.04
C ASP A 161 1.93 -4.08 -4.54
N ILE A 162 2.18 -2.83 -4.92
CA ILE A 162 3.46 -2.52 -5.52
C ILE A 162 3.67 -1.01 -5.54
N ALA A 163 4.94 -0.59 -5.54
CA ALA A 163 5.27 0.81 -5.64
C ALA A 163 6.36 0.99 -6.69
N VAL A 164 6.27 2.06 -7.47
CA VAL A 164 7.17 2.32 -8.58
C VAL A 164 7.51 3.81 -8.55
N GLU A 165 8.80 4.13 -8.60
CA GLU A 165 9.29 5.50 -8.65
C GLU A 165 10.44 5.59 -9.64
N TRP A 166 10.81 6.81 -9.99
CA TRP A 166 11.95 7.06 -10.87
C TRP A 166 12.96 7.97 -10.17
N GLU A 167 14.22 7.83 -10.57
CA GLU A 167 15.30 8.61 -9.99
C GLU A 167 16.35 8.88 -11.04
N SER A 168 17.20 9.86 -10.75
CA SER A 168 18.37 10.12 -11.55
C SER A 168 19.39 10.81 -10.66
N ASN A 169 20.62 10.29 -10.62
CA ASN A 169 21.68 10.85 -9.78
C ASN A 169 21.20 11.08 -8.35
N GLY A 170 20.59 10.05 -7.77
CA GLY A 170 20.21 10.09 -6.37
C GLY A 170 18.97 10.90 -6.10
N GLN A 171 18.60 11.77 -7.04
CA GLN A 171 17.44 12.60 -6.81
C GLN A 171 16.22 12.03 -7.55
N PRO A 172 15.04 12.21 -6.99
CA PRO A 172 13.83 11.65 -7.62
C PRO A 172 13.44 12.41 -8.88
N GLU A 173 12.89 11.67 -9.85
CA GLU A 173 12.30 12.21 -11.07
C GLU A 173 10.79 12.04 -10.96
N ASN A 174 10.06 13.13 -10.73
CA ASN A 174 8.67 13.01 -10.34
C ASN A 174 7.67 13.29 -11.46
N ASN A 175 8.15 13.63 -12.66
CA ASN A 175 7.28 13.83 -13.82
C ASN A 175 6.93 12.50 -14.49
N TYR A 176 6.33 11.58 -13.73
CA TYR A 176 5.99 10.26 -14.24
C TYR A 176 4.58 9.88 -13.84
N LYS A 177 4.03 8.91 -14.56
CA LYS A 177 2.71 8.34 -14.27
C LYS A 177 2.80 6.83 -14.44
N THR A 178 2.09 6.10 -13.59
CA THR A 178 2.11 4.65 -13.58
C THR A 178 0.69 4.13 -13.76
N THR A 179 0.50 3.11 -14.59
CA THR A 179 -0.81 2.51 -14.72
C THR A 179 -1.12 1.73 -13.45
N PRO A 180 -2.39 1.51 -13.15
CA PRO A 180 -2.72 0.57 -12.09
C PRO A 180 -2.23 -0.81 -12.47
N PRO A 181 -2.13 -1.75 -11.52
CA PRO A 181 -1.84 -3.13 -11.90
C PRO A 181 -3.00 -3.70 -12.71
N VAL A 182 -2.67 -4.50 -13.71
CA VAL A 182 -3.68 -5.17 -14.56
C VAL A 182 -3.54 -6.67 -14.37
N LEU A 183 -4.67 -7.36 -14.23
CA LEU A 183 -4.65 -8.81 -14.06
C LEU A 183 -4.33 -9.50 -15.38
N ASP A 184 -3.24 -10.26 -15.41
CA ASP A 184 -2.81 -10.90 -16.65
C ASP A 184 -3.46 -12.27 -16.81
N SER A 185 -3.27 -12.87 -17.98
CA SER A 185 -3.98 -14.12 -18.27
C SER A 185 -3.48 -15.30 -17.45
N ASP A 186 -2.27 -15.21 -16.86
CA ASP A 186 -1.76 -16.27 -16.01
C ASP A 186 -2.04 -16.04 -14.53
N GLY A 187 -2.91 -15.10 -14.19
CA GLY A 187 -3.23 -14.81 -12.80
C GLY A 187 -2.24 -13.90 -12.08
N SER A 188 -1.13 -13.54 -12.71
CA SER A 188 -0.23 -12.53 -12.16
C SER A 188 -0.65 -11.15 -12.65
N PHE A 189 0.04 -10.10 -12.18
CA PHE A 189 -0.26 -8.72 -12.55
C PHE A 189 0.88 -8.11 -13.35
N PHE A 190 0.54 -7.10 -14.16
CA PHE A 190 1.53 -6.24 -14.80
C PHE A 190 1.08 -4.79 -14.72
N LEU A 191 2.05 -3.89 -14.93
CA LEU A 191 1.80 -2.47 -15.10
C LEU A 191 2.95 -1.88 -15.90
N TYR A 192 2.78 -0.62 -16.29
CA TYR A 192 3.80 0.16 -16.98
C TYR A 192 3.91 1.52 -16.29
N SER A 193 5.12 2.08 -16.28
CA SER A 193 5.36 3.40 -15.72
C SER A 193 6.07 4.24 -16.76
N LYS A 194 5.52 5.44 -17.02
CA LYS A 194 6.01 6.33 -18.07
C LYS A 194 6.59 7.58 -17.43
N LEU A 195 7.91 7.75 -17.54
CA LEU A 195 8.62 8.96 -17.13
C LEU A 195 8.85 9.84 -18.35
N THR A 196 8.45 11.11 -18.27
CA THR A 196 8.59 12.05 -19.37
C THR A 196 9.71 13.04 -19.06
N VAL A 197 10.74 13.05 -19.89
CA VAL A 197 11.85 14.01 -19.76
C VAL A 197 12.08 14.67 -21.10
N ASP A 198 12.53 15.92 -21.07
CA ASP A 198 12.89 16.60 -22.30
C ASP A 198 14.17 16.00 -22.86
N LYS A 199 14.30 16.03 -24.19
CA LYS A 199 15.51 15.51 -24.81
C LYS A 199 16.78 16.11 -24.20
N SER A 200 16.66 17.28 -23.57
CA SER A 200 17.81 17.96 -23.01
C SER A 200 18.60 17.05 -22.07
N ARG A 201 17.92 16.40 -21.14
CA ARG A 201 18.61 15.51 -20.21
C ARG A 201 18.85 14.14 -20.81
N TRP A 202 17.93 13.65 -21.64
CA TRP A 202 18.05 12.30 -22.19
C TRP A 202 19.18 12.20 -23.20
N GLN A 203 19.44 13.27 -23.95
CA GLN A 203 20.52 13.24 -24.94
C GLN A 203 21.89 13.56 -24.34
N GLN A 204 21.94 14.05 -23.10
CA GLN A 204 23.21 14.17 -22.38
C GLN A 204 23.72 12.84 -21.85
N GLY A 205 22.94 11.77 -21.96
CA GLY A 205 23.37 10.48 -21.47
C GLY A 205 23.12 10.25 -20.00
N ASN A 206 22.20 10.99 -19.38
CA ASN A 206 21.94 10.84 -17.96
C ASN A 206 21.26 9.51 -17.69
N VAL A 207 21.65 8.87 -16.59
CA VAL A 207 21.10 7.59 -16.19
C VAL A 207 19.82 7.82 -15.41
N PHE A 208 18.71 7.29 -15.91
CA PHE A 208 17.45 7.32 -15.19
C PHE A 208 17.15 5.91 -14.68
N SER A 209 16.61 5.83 -13.47
CA SER A 209 16.41 4.55 -12.79
C SER A 209 14.95 4.35 -12.41
N CYS A 210 14.41 3.19 -12.79
CA CYS A 210 13.09 2.73 -12.36
C CYS A 210 13.25 1.89 -11.09
N SER A 211 12.64 2.36 -9.99
CA SER A 211 12.70 1.70 -8.69
C SER A 211 11.36 1.01 -8.41
N VAL A 212 11.42 -0.27 -8.07
CA VAL A 212 10.22 -1.06 -7.85
C VAL A 212 10.30 -1.70 -6.46
N MET A 213 9.25 -1.51 -5.67
CA MET A 213 9.13 -2.16 -4.37
C MET A 213 8.00 -3.17 -4.45
N HIS A 214 8.28 -4.39 -4.01
CA HIS A 214 7.33 -5.50 -4.05
C HIS A 214 7.78 -6.56 -3.06
N GLU A 215 6.81 -7.19 -2.40
CA GLU A 215 7.18 -8.16 -1.37
C GLU A 215 8.09 -9.25 -1.93
N ALA A 216 7.86 -9.69 -3.16
CA ALA A 216 8.56 -10.89 -3.61
C ALA A 216 9.98 -10.64 -4.12
N LEU A 217 10.43 -9.39 -4.18
CA LEU A 217 11.81 -9.08 -4.54
C LEU A 217 12.72 -9.29 -3.32
N HIS A 218 14.01 -9.49 -3.60
CA HIS A 218 15.00 -9.56 -2.53
C HIS A 218 15.05 -8.24 -1.80
N ASN A 219 14.86 -8.25 -0.48
CA ASN A 219 14.74 -7.00 0.25
C ASN A 219 13.56 -6.17 -0.23
N HIS A 220 12.65 -6.80 -0.97
CA HIS A 220 11.45 -6.16 -1.46
C HIS A 220 11.74 -5.00 -2.41
N TYR A 221 12.93 -4.98 -3.00
CA TYR A 221 13.38 -3.84 -3.78
C TYR A 221 14.22 -4.32 -4.96
N THR A 222 14.10 -3.60 -6.07
CA THR A 222 15.01 -3.78 -7.20
C THR A 222 14.96 -2.50 -8.01
N GLN A 223 15.96 -2.33 -8.87
CA GLN A 223 15.93 -1.17 -9.75
C GLN A 223 16.60 -1.53 -11.06
N LYS A 224 16.11 -0.92 -12.13
CA LYS A 224 16.66 -1.09 -13.47
C LYS A 224 16.91 0.29 -14.06
N SER A 225 18.08 0.48 -14.63
CA SER A 225 18.49 1.78 -15.14
C SER A 225 18.41 1.79 -16.66
N LEU A 226 18.41 3.01 -17.21
CA LEU A 226 18.22 3.25 -18.63
C LEU A 226 19.12 4.39 -19.06
N SER A 227 19.74 4.25 -20.23
CA SER A 227 20.61 5.30 -20.78
C SER A 227 20.99 5.09 -22.24
C1 NAG B . -21.75 10.62 10.29
C2 NAG B . -22.11 9.53 9.27
C3 NAG B . -21.02 8.47 9.20
C4 NAG B . -19.67 9.13 8.93
C5 NAG B . -19.41 10.14 10.03
C6 NAG B . -18.09 10.88 9.86
C7 NAG B . -24.56 9.50 9.29
C8 NAG B . -25.79 8.72 9.70
N2 NAG B . -23.39 8.92 9.58
O3 NAG B . -21.34 7.53 8.18
O4 NAG B . -18.64 8.15 8.89
O5 NAG B . -20.43 11.14 10.01
O6 NAG B . -17.93 11.28 8.52
O7 NAG B . -24.63 10.58 8.72
C1 NAG B . -18.48 7.58 7.57
C2 NAG B . -17.02 7.16 7.40
C3 NAG B . -16.81 6.42 6.08
C4 NAG B . -17.82 5.29 5.91
C5 NAG B . -19.23 5.81 6.13
C6 NAG B . -20.27 4.70 6.11
C7 NAG B . -15.19 8.45 8.42
C8 NAG B . -14.38 9.70 8.35
N2 NAG B . -16.14 8.31 7.48
O3 NAG B . -15.49 5.90 6.05
O4 NAG B . -17.77 4.80 4.57
O5 NAG B . -19.34 6.45 7.41
O6 NAG B . -21.55 5.17 6.50
O7 NAG B . -15.01 7.59 9.28
C1 BMA B . -16.77 3.82 4.30
C2 BMA B . -17.37 2.85 3.25
C3 BMA B . -16.29 1.96 2.55
C4 BMA B . -14.93 2.63 2.38
C5 BMA B . -14.53 3.53 3.55
C6 BMA B . -13.37 4.36 3.17
O2 BMA B . -18.06 3.57 2.25
O3 BMA B . -16.69 1.55 1.24
O4 BMA B . -13.93 1.63 2.22
O5 BMA B . -15.60 4.42 3.86
O6 BMA B . -13.05 5.20 4.24
C1 MAN B . -11.83 5.84 3.89
C2 MAN B . -11.20 6.48 5.10
C3 MAN B . -12.12 7.62 5.55
C4 MAN B . -12.29 8.63 4.40
C5 MAN B . -12.83 7.92 3.14
C6 MAN B . -12.76 8.83 1.93
O2 MAN B . -10.01 7.12 4.66
O3 MAN B . -11.62 8.30 6.70
O4 MAN B . -13.20 9.68 4.79
O5 MAN B . -12.01 6.75 2.85
O6 MAN B . -13.07 8.04 0.79
C1 NAG B . -8.89 6.28 4.98
C2 NAG B . -7.62 6.85 4.35
C3 NAG B . -6.41 5.99 4.68
C4 NAG B . -6.34 5.70 6.17
C5 NAG B . -7.68 5.19 6.70
C6 NAG B . -7.63 4.97 8.20
C7 NAG B . -8.49 7.92 2.35
C8 NAG B . -8.61 7.86 0.85
N2 NAG B . -7.79 6.94 2.91
O3 NAG B . -5.22 6.67 4.27
O4 NAG B . -5.33 4.71 6.41
O5 NAG B . -8.69 6.15 6.39
O6 NAG B . -7.80 6.23 8.88
O7 NAG B . -9.00 8.81 3.01
C1 MAN B . -16.98 0.04 2.21
C2 MAN B . -16.68 -1.34 1.64
C3 MAN B . -17.47 -1.53 0.35
C4 MAN B . -18.95 -1.24 0.63
C5 MAN B . -19.07 0.14 1.27
C6 MAN B . -20.55 0.46 1.52
O2 MAN B . -17.07 -2.34 2.60
O3 MAN B . -17.32 -2.87 -0.12
O4 MAN B . -19.68 -1.27 -0.61
O5 MAN B . -18.37 0.17 2.51
O6 MAN B . -20.67 1.75 2.12
C1 FUC B . -17.43 12.63 8.46
C2 FUC B . -17.36 13.02 7.00
C3 FUC B . -18.79 13.12 6.47
C4 FUC B . -19.54 14.26 7.18
C5 FUC B . -18.94 14.60 8.58
C6 FUC B . -18.03 15.84 8.56
O2 FUC B . -16.60 12.10 6.23
O3 FUC B . -18.80 13.42 5.07
O4 FUC B . -19.47 15.44 6.40
O5 FUC B . -18.20 13.53 9.24
ZN ZN C . -9.45 -15.43 8.73
ZN ZN D . 11.20 -7.81 4.73
ZN ZN E . -26.32 13.80 21.18
C ACT F . 12.94 -7.46 5.07
O ACT F . 12.51 -7.70 6.19
OXT ACT F . 13.53 -8.38 4.47
CH3 ACT F . 12.75 -6.14 4.40
H1 ACT F . 13.19 -6.16 3.41
H2 ACT F . 13.23 -5.37 5.00
H3 ACT F . 11.68 -5.92 4.32
#